data_7SE2
#
_entry.id   7SE2
#
_cell.length_a   106.849
_cell.length_b   106.849
_cell.length_c   91.264
_cell.angle_alpha   90.000
_cell.angle_beta   90.000
_cell.angle_gamma   120.000
#
_symmetry.space_group_name_H-M   'H 3'
#
loop_
_entity.id
_entity.type
_entity.pdbx_description
1 polymer "DNA (5'-D(*GP*AP*GP*CP*AP*GP*CP*CP*TP*GP*TP*CP*TP*GP*GP*AP*CP*AP*TP*CP*A)-3')"
2 polymer "DNA (5'-D(P*CP*CP*AP*(5CM)P*AP*CP*A)-3')"
3 polymer "DNA (5'-D(P*GP*GP*CP*TP*GP*CP*T)-3')"
4 polymer "DNA (5'-D(P*CP*TP*GP*AP*TP*GP*T)-3')"
5 non-polymer 'SILVER ION'
#
loop_
_entity_poly.entity_id
_entity_poly.type
_entity_poly.pdbx_seq_one_letter_code
_entity_poly.pdbx_strand_id
1 'polydeoxyribonucleotide'
;(DG)(DA)(DG)(DC)(DA)(DG)(DC)(DC)(DT)(DG)(DT)(DC)(DT)(DG)(DG)(DA)(DC)(DA)(DT)(DC)
(DA)
;
A
2 'polydeoxyribonucleotide' (DC)(DC)(DA)(5CM)(DA)(DC)(DA) B
3 'polydeoxyribonucleotide' (DG)(DG)(DC)(DT)(DG)(DC)(DT) C
4 'polydeoxyribonucleotide' (DC)(DT)(DG)(DA)(DT)(DG)(DT) D
#